data_2A9X
#
_entry.id   2A9X
#
loop_
_entity.id
_entity.type
_entity.pdbx_description
1 polymer 'BIV TAR RNA'
2 polymer 'BIV-2 cyclic peptide'
#
loop_
_entity_poly.entity_id
_entity_poly.type
_entity_poly.pdbx_seq_one_letter_code
_entity_poly.pdbx_strand_id
1 'polyribonucleotide' GGCUCGUGUAGCUCAUUAGCUCCGAGCC 2
2 'polypeptide(L)' RVRTRGKRRIRVPP 1
#
# COMPACT_ATOMS: atom_id res chain seq x y z
N ARG B 1 -1.76 -3.01 -6.27
CA ARG B 1 -0.42 -2.66 -5.73
C ARG B 1 -0.56 -2.17 -4.28
N VAL B 2 0.52 -2.08 -3.57
CA VAL B 2 0.45 -1.60 -2.16
C VAL B 2 1.72 -0.81 -1.84
N ARG B 3 1.57 0.46 -1.54
CA ARG B 3 2.78 1.28 -1.23
C ARG B 3 3.43 0.76 0.04
N THR B 4 2.88 -0.28 0.63
CA THR B 4 3.47 -0.82 1.89
C THR B 4 4.21 0.29 2.62
N ARG B 5 3.49 1.23 3.18
CA ARG B 5 4.16 2.35 3.90
C ARG B 5 5.39 1.81 4.65
N GLY B 6 6.39 2.63 4.80
CA GLY B 6 7.62 2.16 5.51
C GLY B 6 7.23 1.41 6.79
N LYS B 7 6.01 1.59 7.24
CA LYS B 7 5.58 0.89 8.48
C LYS B 7 4.13 0.43 8.33
N ARG B 8 3.28 1.27 7.79
CA ARG B 8 1.85 0.86 7.66
C ARG B 8 1.61 0.23 6.29
N ARG B 9 0.39 0.20 5.84
CA ARG B 9 0.10 -0.40 4.51
C ARG B 9 -0.90 0.46 3.75
N ILE B 10 -0.74 0.57 2.46
CA ILE B 10 -1.67 1.40 1.66
C ILE B 10 -2.00 0.69 0.34
N ARG B 11 -3.08 -0.03 0.30
CA ARG B 11 -3.43 -0.77 -0.96
C ARG B 11 -3.98 0.23 -2.00
N VAL B 12 -3.57 0.08 -3.23
CA VAL B 12 -4.07 0.98 -4.31
C VAL B 12 -4.26 0.14 -5.58
N PRO B 13 -5.38 -0.53 -5.68
CA PRO B 13 -5.68 -1.45 -6.81
C PRO B 13 -4.94 -2.77 -6.63
N PRO B 14 -4.13 -3.11 -7.59
CA PRO B 14 -3.32 -4.34 -7.56
C PRO B 14 -1.90 -4.05 -7.05
N ARG B 1 -2.58 -1.47 -6.90
CA ARG B 1 -1.35 -1.35 -6.04
C ARG B 1 -1.75 -1.53 -4.57
N VAL B 2 -0.81 -1.82 -3.73
CA VAL B 2 -1.12 -1.97 -2.28
C VAL B 2 0.12 -1.57 -1.47
N ARG B 3 0.57 -0.36 -1.59
CA ARG B 3 1.78 0.06 -0.84
C ARG B 3 1.65 -0.38 0.62
N THR B 4 2.73 -0.80 1.22
CA THR B 4 2.67 -1.23 2.65
C THR B 4 3.68 -0.43 3.47
N ARG B 5 3.55 0.86 3.49
CA ARG B 5 4.53 1.68 4.27
C ARG B 5 4.83 1.00 5.60
N GLY B 6 5.95 0.34 5.70
CA GLY B 6 6.29 -0.36 6.96
C GLY B 6 5.13 -1.25 7.40
N LYS B 7 4.16 -0.69 8.06
CA LYS B 7 2.99 -1.51 8.50
C LYS B 7 1.73 -1.00 7.82
N ARG B 8 1.62 0.30 7.62
CA ARG B 8 0.41 0.84 6.95
C ARG B 8 0.19 0.13 5.61
N ARG B 9 -0.99 0.28 5.04
CA ARG B 9 -1.26 -0.39 3.74
C ARG B 9 -2.11 0.53 2.86
N ILE B 10 -1.50 1.25 1.97
CA ILE B 10 -2.29 2.15 1.08
C ILE B 10 -2.67 1.38 -0.19
N ARG B 11 -3.85 1.61 -0.71
CA ARG B 11 -4.28 0.90 -1.94
C ARG B 11 -4.80 1.90 -2.98
N VAL B 12 -4.25 1.87 -4.17
CA VAL B 12 -4.72 2.79 -5.25
C VAL B 12 -4.68 2.04 -6.57
N PRO B 13 -5.83 1.57 -7.03
CA PRO B 13 -5.92 0.74 -8.25
C PRO B 13 -5.48 -0.68 -7.96
N PRO B 14 -4.54 -1.16 -8.72
CA PRO B 14 -3.99 -2.52 -8.57
C PRO B 14 -2.72 -2.50 -7.70
N ARG B 1 -3.42 -1.46 -7.54
CA ARG B 1 -2.03 -1.40 -7.00
C ARG B 1 -2.05 -0.82 -5.58
N VAL B 2 -1.30 -1.38 -4.68
CA VAL B 2 -1.26 -0.85 -3.30
C VAL B 2 0.18 -0.51 -2.93
N ARG B 3 0.41 0.61 -2.31
CA ARG B 3 1.81 0.98 -1.94
C ARG B 3 2.08 0.52 -0.52
N THR B 4 2.65 -0.64 -0.35
CA THR B 4 2.95 -1.13 1.02
C THR B 4 3.99 -0.21 1.68
N ARG B 5 3.70 1.06 1.73
CA ARG B 5 4.68 2.01 2.35
C ARG B 5 5.28 1.38 3.59
N GLY B 6 6.59 1.20 3.60
CA GLY B 6 7.25 0.58 4.79
C GLY B 6 6.40 -0.59 5.29
N LYS B 7 5.52 -0.35 6.21
CA LYS B 7 4.67 -1.45 6.73
C LYS B 7 3.20 -1.11 6.52
N ARG B 8 2.91 0.09 6.09
CA ARG B 8 1.49 0.48 5.89
C ARG B 8 1.00 -0.01 4.53
N ARG B 9 -0.26 0.20 4.22
CA ARG B 9 -0.79 -0.28 2.92
C ARG B 9 -1.77 0.77 2.35
N ILE B 10 -1.40 1.40 1.28
CA ILE B 10 -2.30 2.44 0.69
C ILE B 10 -2.87 1.91 -0.64
N ARG B 11 -3.95 1.18 -0.59
CA ARG B 11 -4.54 0.64 -1.85
C ARG B 11 -4.80 1.78 -2.85
N VAL B 12 -4.57 1.55 -4.11
CA VAL B 12 -4.82 2.60 -5.14
C VAL B 12 -5.22 1.91 -6.44
N PRO B 13 -6.47 1.52 -6.55
CA PRO B 13 -6.98 0.79 -7.73
C PRO B 13 -6.49 -0.65 -7.71
N PRO B 14 -5.79 -1.04 -8.73
CA PRO B 14 -5.22 -2.39 -8.85
C PRO B 14 -3.78 -2.42 -8.35
N ARG B 1 -3.12 -1.88 -6.26
CA ARG B 1 -1.78 -1.76 -5.63
C ARG B 1 -1.91 -1.29 -4.18
N VAL B 2 -0.97 -1.62 -3.35
CA VAL B 2 -1.03 -1.17 -1.93
C VAL B 2 0.37 -0.73 -1.49
N ARG B 3 0.68 0.53 -1.64
CA ARG B 3 2.04 1.00 -1.25
C ARG B 3 2.30 0.65 0.21
N THR B 4 2.68 -0.58 0.47
CA THR B 4 2.95 -0.98 1.88
C THR B 4 4.07 -0.13 2.46
N ARG B 5 3.76 1.07 2.90
CA ARG B 5 4.81 1.94 3.47
C ARG B 5 5.78 1.11 4.31
N GLY B 6 5.53 0.99 5.58
CA GLY B 6 6.43 0.18 6.45
C GLY B 6 5.63 -0.37 7.64
N LYS B 7 5.11 0.49 8.46
CA LYS B 7 4.31 0.01 9.62
C LYS B 7 2.82 0.16 9.30
N ARG B 8 2.51 0.50 8.07
CA ARG B 8 1.09 0.67 7.67
C ARG B 8 0.84 0.00 6.31
N ARG B 9 -0.23 0.35 5.65
CA ARG B 9 -0.52 -0.25 4.32
C ARG B 9 -1.58 0.57 3.59
N ILE B 10 -1.21 1.21 2.52
CA ILE B 10 -2.19 2.05 1.78
C ILE B 10 -2.81 1.22 0.65
N ARG B 11 -3.90 1.68 0.09
CA ARG B 11 -4.56 0.92 -1.01
C ARG B 11 -4.63 1.77 -2.27
N VAL B 12 -4.08 1.29 -3.36
CA VAL B 12 -4.11 2.06 -4.64
C VAL B 12 -4.73 1.17 -5.71
N PRO B 13 -6.03 1.13 -5.79
CA PRO B 13 -6.76 0.27 -6.75
C PRO B 13 -6.22 -1.15 -6.68
N PRO B 14 -5.42 -1.51 -7.64
CA PRO B 14 -4.79 -2.84 -7.73
C PRO B 14 -3.38 -2.82 -7.13
N ARG B 1 -0.95 -3.23 -6.33
CA ARG B 1 0.36 -2.85 -5.75
C ARG B 1 0.17 -2.45 -4.28
N VAL B 2 1.24 -2.36 -3.55
CA VAL B 2 1.12 -1.96 -2.11
C VAL B 2 2.06 -0.77 -1.86
N ARG B 3 1.51 0.38 -1.55
CA ARG B 3 2.37 1.56 -1.29
C ARG B 3 2.48 1.79 0.22
N THR B 4 2.63 0.74 0.98
CA THR B 4 2.75 0.89 2.46
C THR B 4 3.66 2.08 2.77
N ARG B 5 3.20 3.00 3.56
CA ARG B 5 4.05 4.18 3.89
C ARG B 5 5.21 3.74 4.79
N GLY B 6 4.91 3.28 5.98
CA GLY B 6 6.00 2.83 6.90
C GLY B 6 5.49 1.66 7.74
N LYS B 7 4.68 1.95 8.74
CA LYS B 7 4.16 0.85 9.59
C LYS B 7 2.74 0.50 9.16
N ARG B 8 2.12 1.31 8.33
CA ARG B 8 0.74 1.00 7.89
C ARG B 8 0.76 0.40 6.49
N ARG B 9 -0.34 0.47 5.78
CA ARG B 9 -0.37 -0.10 4.41
C ARG B 9 -1.29 0.74 3.52
N ILE B 10 -1.00 0.83 2.26
CA ILE B 10 -1.86 1.64 1.35
C ILE B 10 -2.03 0.90 0.01
N ARG B 11 -2.80 -0.15 -0.01
CA ARG B 11 -2.98 -0.91 -1.27
C ARG B 11 -3.60 0.01 -2.35
N VAL B 12 -3.08 -0.04 -3.54
CA VAL B 12 -3.62 0.82 -4.64
C VAL B 12 -3.66 -0.03 -5.92
N PRO B 13 -4.74 -0.75 -6.12
CA PRO B 13 -4.87 -1.68 -7.26
C PRO B 13 -4.16 -2.99 -6.97
N PRO B 14 -3.26 -3.36 -7.83
CA PRO B 14 -2.45 -4.59 -7.68
C PRO B 14 -1.05 -4.27 -7.13
N ARG B 1 -4.10 -1.45 -7.32
CA ARG B 1 -2.70 -1.67 -6.84
C ARG B 1 -2.70 -1.81 -5.32
N VAL B 2 -1.54 -1.96 -4.73
CA VAL B 2 -1.48 -2.09 -3.26
C VAL B 2 0.00 -2.05 -2.83
N ARG B 3 0.55 -0.87 -2.66
CA ARG B 3 1.98 -0.78 -2.27
C ARG B 3 2.11 -1.03 -0.77
N THR B 4 3.13 -1.73 -0.35
CA THR B 4 3.31 -1.99 1.10
C THR B 4 4.28 -0.96 1.68
N ARG B 5 3.78 -0.03 2.45
CA ARG B 5 4.68 1.01 3.03
C ARG B 5 5.57 0.38 4.11
N GLY B 6 5.57 -0.91 4.20
CA GLY B 6 6.42 -1.59 5.22
C GLY B 6 5.69 -1.56 6.57
N LYS B 7 5.86 -0.49 7.31
CA LYS B 7 5.17 -0.41 8.64
C LYS B 7 3.66 -0.44 8.43
N ARG B 8 3.20 0.13 7.34
CA ARG B 8 1.73 0.13 7.07
C ARG B 8 1.47 -0.24 5.60
N ARG B 9 0.39 0.22 5.05
CA ARG B 9 0.07 -0.13 3.64
C ARG B 9 -0.93 0.89 3.06
N ILE B 10 -1.38 0.67 1.87
CA ILE B 10 -2.37 1.61 1.27
C ILE B 10 -2.80 1.09 -0.11
N ARG B 11 -3.87 1.60 -0.64
CA ARG B 11 -4.35 1.11 -1.97
C ARG B 11 -4.58 2.30 -2.92
N VAL B 12 -4.40 2.09 -4.19
CA VAL B 12 -4.64 3.19 -5.19
C VAL B 12 -5.13 2.55 -6.49
N PRO B 13 -6.42 2.31 -6.58
CA PRO B 13 -7.03 1.58 -7.72
C PRO B 13 -6.90 0.09 -7.53
N PRO B 14 -6.36 -0.58 -8.51
CA PRO B 14 -6.14 -2.04 -8.48
C PRO B 14 -4.72 -2.37 -8.02
N ARG B 1 -2.36 -3.05 -6.13
CA ARG B 1 -0.96 -2.91 -5.66
C ARG B 1 -0.94 -2.36 -4.24
N VAL B 2 -0.59 -3.17 -3.28
CA VAL B 2 -0.53 -2.68 -1.87
C VAL B 2 0.79 -1.95 -1.67
N ARG B 3 0.76 -0.66 -1.48
CA ARG B 3 2.03 0.10 -1.30
C ARG B 3 2.51 -0.06 0.15
N THR B 4 3.48 -0.90 0.37
CA THR B 4 3.99 -1.10 1.76
C THR B 4 4.71 0.17 2.22
N ARG B 5 4.00 1.14 2.72
CA ARG B 5 4.67 2.39 3.17
C ARG B 5 5.71 2.06 4.24
N GLY B 6 6.22 3.07 4.90
CA GLY B 6 7.24 2.82 5.96
C GLY B 6 6.55 2.52 7.28
N LYS B 7 6.49 1.27 7.68
CA LYS B 7 5.82 0.93 8.95
C LYS B 7 4.31 0.92 8.73
N ARG B 8 3.89 1.10 7.51
CA ARG B 8 2.42 1.10 7.22
C ARG B 8 2.14 0.35 5.91
N ARG B 9 0.99 0.54 5.34
CA ARG B 9 0.67 -0.17 4.06
C ARG B 9 -0.49 0.53 3.36
N ILE B 10 -0.20 1.22 2.29
CA ILE B 10 -1.30 1.92 1.55
C ILE B 10 -1.81 1.01 0.43
N ARG B 11 -2.88 1.39 -0.21
CA ARG B 11 -3.42 0.54 -1.32
C ARG B 11 -3.88 1.43 -2.49
N VAL B 12 -3.63 1.00 -3.69
CA VAL B 12 -4.05 1.80 -4.89
C VAL B 12 -4.33 0.82 -6.03
N PRO B 13 -5.51 0.25 -6.05
CA PRO B 13 -5.88 -0.78 -7.05
C PRO B 13 -5.43 -2.15 -6.59
N PRO B 14 -4.73 -2.84 -7.45
CA PRO B 14 -4.22 -4.19 -7.17
C PRO B 14 -2.76 -4.15 -6.73
N ARG B 1 -2.52 -2.80 -6.58
CA ARG B 1 -1.10 -2.66 -6.11
C ARG B 1 -1.11 -2.19 -4.65
N VAL B 2 -0.22 -2.73 -3.86
CA VAL B 2 -0.15 -2.31 -2.43
C VAL B 2 1.16 -1.55 -2.20
N ARG B 3 1.08 -0.30 -1.86
CA ARG B 3 2.33 0.48 -1.63
C ARG B 3 2.76 0.32 -0.16
N THR B 4 3.11 -0.86 0.23
CA THR B 4 3.54 -1.07 1.65
C THR B 4 4.50 0.04 2.05
N ARG B 5 3.99 1.12 2.57
CA ARG B 5 4.89 2.24 2.99
C ARG B 5 5.79 1.79 4.14
N GLY B 6 6.23 2.70 4.96
CA GLY B 6 7.12 2.31 6.09
C GLY B 6 6.40 1.30 6.98
N LYS B 7 5.86 1.75 8.08
CA LYS B 7 5.14 0.81 8.99
C LYS B 7 3.66 0.78 8.61
N ARG B 8 3.27 1.56 7.64
CA ARG B 8 1.84 1.59 7.23
C ARG B 8 1.64 0.69 5.99
N ARG B 9 0.61 0.96 5.21
CA ARG B 9 0.36 0.12 4.01
C ARG B 9 -0.83 0.67 3.24
N ILE B 10 -0.59 1.53 2.29
CA ILE B 10 -1.72 2.11 1.50
C ILE B 10 -1.90 1.31 0.21
N ARG B 11 -3.09 1.25 -0.31
CA ARG B 11 -3.31 0.49 -1.57
C ARG B 11 -3.89 1.42 -2.65
N VAL B 12 -3.71 1.08 -3.90
CA VAL B 12 -4.26 1.94 -5.00
C VAL B 12 -4.52 1.03 -6.20
N PRO B 13 -5.69 0.44 -6.25
CA PRO B 13 -6.05 -0.55 -7.32
C PRO B 13 -5.56 -1.93 -6.94
N PRO B 14 -4.91 -2.57 -7.86
CA PRO B 14 -4.36 -3.93 -7.66
C PRO B 14 -2.89 -3.88 -7.22
N ARG B 1 -2.22 -2.65 -7.16
CA ARG B 1 -0.78 -2.33 -6.89
C ARG B 1 -0.55 -2.24 -5.38
N VAL B 2 0.21 -3.15 -4.84
CA VAL B 2 0.48 -3.11 -3.38
C VAL B 2 1.48 -1.98 -3.09
N ARG B 3 1.23 -1.18 -2.10
CA ARG B 3 2.17 -0.07 -1.79
C ARG B 3 2.21 0.15 -0.28
N THR B 4 2.48 -0.88 0.47
CA THR B 4 2.53 -0.72 1.95
C THR B 4 3.47 0.44 2.31
N ARG B 5 3.13 1.21 3.31
CA ARG B 5 4.01 2.34 3.70
C ARG B 5 5.12 1.84 4.62
N GLY B 6 5.39 0.56 4.59
CA GLY B 6 6.47 0.01 5.47
C GLY B 6 5.82 -0.61 6.71
N LYS B 7 5.37 0.19 7.64
CA LYS B 7 4.73 -0.37 8.86
C LYS B 7 3.21 -0.41 8.67
N ARG B 8 2.69 0.43 7.82
CA ARG B 8 1.22 0.44 7.58
C ARG B 8 0.89 -0.42 6.36
N ARG B 9 -0.11 -0.04 5.60
CA ARG B 9 -0.48 -0.83 4.41
C ARG B 9 -1.43 -0.01 3.52
N ILE B 10 -0.91 0.56 2.47
CA ILE B 10 -1.76 1.39 1.57
C ILE B 10 -2.00 0.64 0.26
N ARG B 11 -3.18 0.75 -0.30
CA ARG B 11 -3.46 0.04 -1.58
C ARG B 11 -4.08 1.02 -2.58
N VAL B 12 -3.90 0.76 -3.85
CA VAL B 12 -4.51 1.65 -4.90
C VAL B 12 -4.68 0.81 -6.18
N PRO B 13 -5.80 0.14 -6.29
CA PRO B 13 -6.06 -0.80 -7.42
C PRO B 13 -5.41 -2.14 -7.14
N PRO B 14 -4.77 -2.67 -8.13
CA PRO B 14 -4.04 -3.97 -8.04
C PRO B 14 -2.55 -3.74 -7.80
N ARG B 1 -2.97 -1.26 -7.15
CA ARG B 1 -1.62 -1.18 -6.53
C ARG B 1 -1.70 -1.56 -5.05
N VAL B 2 -0.57 -1.75 -4.43
CA VAL B 2 -0.58 -2.10 -2.98
C VAL B 2 0.69 -1.53 -2.33
N ARG B 3 0.77 -0.24 -2.19
CA ARG B 3 2.00 0.36 -1.59
C ARG B 3 1.97 0.14 -0.08
N THR B 4 2.53 -0.96 0.39
CA THR B 4 2.53 -1.23 1.84
C THR B 4 3.22 -0.08 2.58
N ARG B 5 3.62 0.93 1.86
CA ARG B 5 4.31 2.08 2.53
C ARG B 5 5.23 1.55 3.63
N GLY B 6 5.65 0.32 3.52
CA GLY B 6 6.56 -0.25 4.57
C GLY B 6 5.72 -0.96 5.62
N LYS B 7 5.50 -0.33 6.75
CA LYS B 7 4.69 -0.99 7.81
C LYS B 7 3.21 -0.71 7.56
N ARG B 8 2.84 0.53 7.36
CA ARG B 8 1.41 0.85 7.09
C ARG B 8 0.96 0.12 5.83
N ARG B 9 -0.05 0.63 5.18
CA ARG B 9 -0.55 -0.03 3.93
C ARG B 9 -1.57 0.87 3.24
N ILE B 10 -1.23 1.37 2.08
CA ILE B 10 -2.20 2.25 1.35
C ILE B 10 -2.33 1.76 -0.10
N ARG B 11 -3.54 1.49 -0.53
CA ARG B 11 -3.73 0.98 -1.92
C ARG B 11 -4.45 2.05 -2.77
N VAL B 12 -4.21 2.06 -4.05
CA VAL B 12 -4.88 3.04 -4.95
C VAL B 12 -5.08 2.38 -6.31
N PRO B 13 -6.22 1.79 -6.53
CA PRO B 13 -6.50 1.01 -7.76
C PRO B 13 -6.03 -0.42 -7.60
N PRO B 14 -5.26 -0.88 -8.54
CA PRO B 14 -4.70 -2.25 -8.53
C PRO B 14 -3.29 -2.25 -7.93
#